data_1EBS
#
_entry.id   1EBS
#
_cell.length_a   1.000
_cell.length_b   1.000
_cell.length_c   1.000
_cell.angle_alpha   90.00
_cell.angle_beta   90.00
_cell.angle_gamma   90.00
#
_symmetry.space_group_name_H-M   'P 1'
#
_entity_poly.entity_id   1
_entity_poly.type   'polyribonucleotide'
_entity_poly.pdbx_seq_one_letter_code
;GGUGGGCGCAGCUUCGGCUGCGGUACACC
;
_entity_poly.pdbx_strand_id   A
#